data_3GF7
#
_entry.id   3GF7
#
_cell.length_a   102.050
_cell.length_b   143.530
_cell.length_c   167.520
_cell.angle_alpha   90.000
_cell.angle_beta   90.000
_cell.angle_gamma   90.000
#
_symmetry.space_group_name_H-M   'F 2 2 2'
#
loop_
_entity.id
_entity.type
_entity.pdbx_description
1 polymer 'Glutaconyl-CoA decarboxylase subunit A'
2 non-polymer 'SULFATE ION'
3 water water
#
_entity_poly.entity_id   1
_entity_poly.type   'polypeptide(L)'
_entity_poly.pdbx_seq_one_letter_code
;MNMYSMPGYFQNMPTIGKELVNPNPENEQEIKAVESDIHESIKKALDAGITSEEKLNERGQLSAMQRINALIDPGTWCPL
NSLFNPENNKFGTTNIVNGLGRVDGKWVYIVASDNKKMAGAWVPGQAENLIRCSDAAKMMHLPLIYLLNCSGVEFPNQDK
VYPNRRGGGTPFFRNSELNQLGIPVIVGIYGTNPAGGGYHSISPTILIAHQDANMAVGGAGILSGMNPKGYIDDEAAEQI
IAAQIENSKLKVPAPGSVPIHYDETGFFREVYQNDLGVIDGIKKYISYLPAYNLEFFRVDTPKAPQLPAEDLYSIIPMNQ
KRPYDIYEVIARLFDNSEFSEYKKGYGPEMVTGLAKVNGLLVGVIANVQGLLMNYPEYKQNSVGIGGKLYRQGLIKMNEF
VTLCARDRIPLIWLQDTTGIDVGDEAEKAELLGLGQSLIYSIENSKLPSLEITIRKASAAAHYVLGGPQGNNTNVFSIGT
GACEYYVMPGETAANAMYSRKLVKAKKAGEDLQPIIGKMNDMIQMYTDKSRPKYCTEKGMVDEIVDMTEVRPYIQAFTEA
AYQNPQSICPMHQMLTPRSTREFETFGK
;
_entity_poly.pdbx_strand_id   A
#
loop_
_chem_comp.id
_chem_comp.type
_chem_comp.name
_chem_comp.formula
SO4 non-polymer 'SULFATE ION' 'O4 S -2'
#
# COMPACT_ATOMS: atom_id res chain seq x y z
N MET A 3 -23.93 20.15 8.77
CA MET A 3 -23.19 19.56 9.93
C MET A 3 -21.71 19.32 9.59
N TYR A 4 -21.16 20.15 8.71
CA TYR A 4 -19.75 20.08 8.33
C TYR A 4 -19.16 21.48 8.27
N SER A 5 -17.85 21.56 8.47
CA SER A 5 -17.14 22.84 8.47
C SER A 5 -16.97 23.35 7.07
N MET A 6 -17.05 24.68 6.93
CA MET A 6 -16.70 25.38 5.70
C MET A 6 -17.17 24.70 4.41
N PRO A 7 -18.49 24.52 4.25
CA PRO A 7 -19.04 23.96 3.00
C PRO A 7 -18.59 24.74 1.77
N GLY A 8 -18.37 26.05 1.92
CA GLY A 8 -17.89 26.90 0.84
C GLY A 8 -16.56 26.45 0.26
N TYR A 9 -15.76 25.76 1.08
CA TYR A 9 -14.46 25.25 0.64
C TYR A 9 -14.52 23.77 0.31
N PHE A 10 -15.28 23.02 1.09
CA PHE A 10 -15.19 21.56 1.06
C PHE A 10 -16.37 20.84 0.41
N GLN A 11 -17.43 21.57 0.11
CA GLN A 11 -18.58 20.98 -0.57
C GLN A 11 -18.80 21.69 -1.90
N ASN A 12 -19.43 20.99 -2.84
CA ASN A 12 -19.65 21.52 -4.18
C ASN A 12 -18.33 22.01 -4.79
N MET A 13 -17.29 21.19 -4.61
CA MET A 13 -16.01 21.43 -5.24
C MET A 13 -16.18 21.28 -6.74
N PRO A 14 -15.28 21.88 -7.54
CA PRO A 14 -15.33 21.64 -8.98
C PRO A 14 -15.41 20.14 -9.26
N THR A 15 -16.34 19.76 -10.13
CA THR A 15 -16.47 18.37 -10.59
C THR A 15 -15.63 18.16 -11.82
N ILE A 16 -15.17 16.93 -12.00
CA ILE A 16 -14.26 16.60 -13.09
C ILE A 16 -14.68 15.29 -13.75
N GLY A 17 -14.11 15.03 -14.92
CA GLY A 17 -14.39 13.80 -15.66
C GLY A 17 -15.55 13.94 -16.63
N LYS A 18 -15.49 13.16 -17.71
CA LYS A 18 -16.56 13.08 -18.69
C LYS A 18 -17.09 11.66 -18.73
N GLU A 19 -18.35 11.52 -19.14
CA GLU A 19 -18.93 10.22 -19.44
C GLU A 19 -18.07 9.54 -20.50
N LEU A 20 -17.79 8.25 -20.31
CA LEU A 20 -16.96 7.52 -21.26
C LEU A 20 -17.76 7.30 -22.54
N VAL A 21 -17.40 8.07 -23.55
CA VAL A 21 -18.08 8.06 -24.85
C VAL A 21 -17.57 6.94 -25.76
N ASN A 22 -16.26 6.68 -25.71
CA ASN A 22 -15.63 5.68 -26.57
C ASN A 22 -14.87 4.58 -25.80
N PRO A 23 -15.59 3.51 -25.43
CA PRO A 23 -15.03 2.35 -24.70
C PRO A 23 -14.04 1.54 -25.53
N ASN A 24 -13.07 0.92 -24.87
CA ASN A 24 -12.02 0.16 -25.55
C ASN A 24 -11.93 -1.27 -25.00
N PRO A 25 -12.66 -2.20 -25.64
CA PRO A 25 -12.81 -3.58 -25.15
C PRO A 25 -11.50 -4.36 -25.15
N GLU A 26 -10.63 -4.07 -26.11
CA GLU A 26 -9.35 -4.74 -26.26
C GLU A 26 -8.40 -4.36 -25.12
N ASN A 27 -8.39 -3.07 -24.80
CA ASN A 27 -7.62 -2.55 -23.67
C ASN A 27 -8.09 -3.15 -22.37
N GLU A 28 -9.42 -3.16 -22.19
CA GLU A 28 -10.07 -3.76 -21.02
C GLU A 28 -9.73 -5.23 -20.92
N GLN A 29 -9.70 -5.91 -22.06
CA GLN A 29 -9.36 -7.32 -22.14
C GLN A 29 -7.95 -7.57 -21.63
N GLU A 30 -7.03 -6.69 -22.02
CA GLU A 30 -5.62 -6.80 -21.67
C GLU A 30 -5.34 -6.56 -20.19
N ILE A 31 -6.01 -5.55 -19.61
CA ILE A 31 -5.88 -5.24 -18.19
C ILE A 31 -6.40 -6.41 -17.36
N LYS A 32 -7.61 -6.87 -17.71
CA LYS A 32 -8.27 -7.93 -16.97
C LYS A 32 -7.53 -9.27 -17.02
N ALA A 33 -6.73 -9.46 -18.07
CA ALA A 33 -5.92 -10.67 -18.20
C ALA A 33 -4.70 -10.63 -17.28
N VAL A 34 -4.16 -9.44 -17.05
CA VAL A 34 -3.17 -9.22 -16.01
C VAL A 34 -3.83 -9.50 -14.66
N GLU A 35 -5.01 -8.90 -14.45
CA GLU A 35 -5.79 -9.07 -13.24
C GLU A 35 -6.17 -10.52 -12.99
N SER A 36 -6.66 -11.20 -14.02
CA SER A 36 -6.97 -12.63 -13.92
C SER A 36 -5.74 -13.43 -13.50
N ASP A 37 -4.61 -13.20 -14.17
CA ASP A 37 -3.34 -13.84 -13.79
C ASP A 37 -2.97 -13.60 -12.33
N ILE A 38 -3.08 -12.35 -11.88
CA ILE A 38 -2.85 -12.01 -10.46
C ILE A 38 -3.76 -12.84 -9.55
N HIS A 39 -5.06 -12.77 -9.79
CA HIS A 39 -6.03 -13.55 -9.03
C HIS A 39 -5.75 -15.06 -9.04
N GLU A 40 -5.42 -15.61 -10.22
CA GLU A 40 -5.10 -17.02 -10.37
C GLU A 40 -3.87 -17.38 -9.54
N SER A 41 -2.83 -16.56 -9.63
CA SER A 41 -1.61 -16.79 -8.86
C SER A 41 -1.88 -16.75 -7.35
N ILE A 42 -2.63 -15.74 -6.91
CA ILE A 42 -3.02 -15.64 -5.50
C ILE A 42 -3.80 -16.87 -5.05
N LYS A 43 -4.83 -17.24 -5.81
CA LYS A 43 -5.57 -18.48 -5.55
C LYS A 43 -4.61 -19.66 -5.35
N LYS A 44 -3.72 -19.86 -6.32
CA LYS A 44 -2.75 -20.95 -6.29
C LYS A 44 -1.82 -20.85 -5.08
N ALA A 45 -1.32 -19.65 -4.80
CA ALA A 45 -0.40 -19.45 -3.68
C ALA A 45 -1.08 -19.69 -2.33
N LEU A 46 -2.33 -19.25 -2.20
CA LEU A 46 -3.12 -19.51 -1.00
C LEU A 46 -3.46 -20.99 -0.79
N ASP A 47 -3.52 -21.75 -1.88
CA ASP A 47 -3.86 -23.18 -1.81
C ASP A 47 -2.64 -24.08 -1.73
N ALA A 48 -1.48 -23.53 -2.11
CA ALA A 48 -0.20 -24.24 -2.04
C ALA A 48 0.16 -24.59 -0.61
N GLY A 49 1.01 -25.61 -0.46
CA GLY A 49 1.44 -26.05 0.86
C GLY A 49 1.42 -27.56 0.99
N ILE A 50 1.51 -28.03 2.23
CA ILE A 50 1.62 -29.45 2.54
C ILE A 50 0.29 -30.01 3.08
N THR A 51 -0.64 -29.10 3.36
CA THR A 51 -1.94 -29.45 3.93
C THR A 51 -2.99 -28.60 3.23
N SER A 52 -4.22 -29.13 3.14
CA SER A 52 -5.31 -28.39 2.54
C SER A 52 -6.19 -27.76 3.62
N GLU A 53 -7.01 -26.81 3.20
CA GLU A 53 -8.07 -26.25 4.05
C GLU A 53 -8.92 -27.37 4.65
N GLU A 54 -9.33 -28.34 3.81
CA GLU A 54 -10.16 -29.47 4.23
C GLU A 54 -9.50 -30.27 5.36
N LYS A 55 -8.23 -30.62 5.17
CA LYS A 55 -7.46 -31.40 6.14
C LYS A 55 -7.25 -30.66 7.47
N LEU A 56 -6.97 -29.37 7.38
CA LEU A 56 -6.83 -28.52 8.57
C LEU A 56 -8.14 -28.48 9.36
N ASN A 57 -9.24 -28.26 8.65
CA ASN A 57 -10.56 -28.13 9.25
C ASN A 57 -10.94 -29.37 10.07
N GLU A 58 -10.71 -30.55 9.48
CA GLU A 58 -10.92 -31.83 10.15
C GLU A 58 -10.11 -31.93 11.44
N ARG A 59 -8.85 -31.48 11.38
CA ARG A 59 -7.97 -31.49 12.55
C ARG A 59 -8.33 -30.40 13.59
N GLY A 60 -9.24 -29.51 13.22
CA GLY A 60 -9.76 -28.51 14.15
C GLY A 60 -9.24 -27.10 13.89
N GLN A 61 -8.64 -26.89 12.72
CA GLN A 61 -7.97 -25.65 12.40
C GLN A 61 -8.61 -24.95 11.21
N LEU A 62 -8.86 -23.66 11.34
CA LEU A 62 -9.24 -22.87 10.18
C LEU A 62 -7.98 -22.48 9.41
N SER A 63 -8.15 -22.19 8.13
CA SER A 63 -7.06 -21.69 7.32
C SER A 63 -6.89 -20.20 7.64
N ALA A 64 -5.80 -19.60 7.14
CA ALA A 64 -5.56 -18.18 7.30
C ALA A 64 -6.76 -17.36 6.82
N MET A 65 -7.23 -17.68 5.61
CA MET A 65 -8.31 -16.94 4.97
C MET A 65 -9.65 -17.13 5.67
N GLN A 66 -9.88 -18.33 6.20
CA GLN A 66 -11.10 -18.59 6.97
C GLN A 66 -11.09 -17.79 8.26
N ARG A 67 -9.92 -17.72 8.88
CA ARG A 67 -9.75 -16.90 10.07
C ARG A 67 -9.97 -15.43 9.76
N ILE A 68 -9.35 -14.95 8.67
CA ILE A 68 -9.52 -13.57 8.23
C ILE A 68 -10.99 -13.27 7.92
N ASN A 69 -11.59 -14.07 7.05
CA ASN A 69 -13.01 -13.89 6.69
C ASN A 69 -13.96 -13.98 7.87
N ALA A 70 -13.61 -14.80 8.86
CA ALA A 70 -14.39 -14.86 10.09
C ALA A 70 -14.26 -13.58 10.92
N LEU A 71 -13.09 -12.95 10.84
CA LEU A 71 -12.78 -11.77 11.63
C LEU A 71 -13.37 -10.48 11.08
N ILE A 72 -13.31 -10.31 9.77
CA ILE A 72 -13.58 -9.01 9.15
C ILE A 72 -15.03 -8.84 8.69
N ASP A 73 -15.45 -7.58 8.60
CA ASP A 73 -16.70 -7.21 7.95
C ASP A 73 -16.62 -7.63 6.48
N PRO A 74 -17.71 -8.21 5.94
CA PRO A 74 -17.69 -8.71 4.56
C PRO A 74 -17.33 -7.62 3.56
N GLY A 75 -16.49 -7.97 2.58
CA GLY A 75 -16.13 -7.08 1.49
C GLY A 75 -15.11 -6.01 1.83
N THR A 76 -14.45 -6.15 2.97
CA THR A 76 -13.49 -5.13 3.43
C THR A 76 -12.03 -5.59 3.40
N TRP A 77 -11.79 -6.84 3.02
CA TRP A 77 -10.44 -7.38 2.90
C TRP A 77 -9.67 -6.72 1.76
N CYS A 78 -8.58 -6.05 2.14
CA CYS A 78 -7.67 -5.45 1.19
C CYS A 78 -6.30 -6.08 1.39
N PRO A 79 -6.06 -7.21 0.70
CA PRO A 79 -4.79 -7.91 0.86
C PRO A 79 -3.60 -7.09 0.35
N LEU A 80 -2.46 -7.28 1.00
CA LEU A 80 -1.21 -6.71 0.55
C LEU A 80 -0.19 -7.82 0.53
N ASN A 81 0.80 -7.69 -0.35
CA ASN A 81 1.89 -8.65 -0.41
C ASN A 81 1.41 -10.09 -0.71
N SER A 82 0.23 -10.21 -1.31
CA SER A 82 -0.34 -11.54 -1.63
C SER A 82 0.68 -12.45 -2.32
N LEU A 83 1.39 -11.88 -3.28
CA LEU A 83 2.34 -12.63 -4.08
C LEU A 83 3.79 -12.25 -3.79
N PHE A 84 4.01 -11.53 -2.70
CA PHE A 84 5.35 -11.20 -2.24
C PHE A 84 6.10 -12.50 -1.96
N ASN A 85 7.22 -12.67 -2.68
CA ASN A 85 8.06 -13.86 -2.57
C ASN A 85 9.45 -13.56 -3.15
N PRO A 86 10.21 -12.64 -2.52
CA PRO A 86 11.46 -12.19 -3.15
C PRO A 86 12.52 -13.30 -3.20
N GLU A 87 12.47 -14.22 -2.23
CA GLU A 87 13.46 -15.29 -2.11
C GLU A 87 13.06 -16.58 -2.86
N ASN A 88 11.99 -16.49 -3.64
CA ASN A 88 11.55 -17.61 -4.48
C ASN A 88 11.19 -18.89 -3.70
N ASN A 89 10.47 -18.74 -2.60
CA ASN A 89 9.94 -19.90 -1.89
C ASN A 89 9.07 -20.71 -2.84
N LYS A 90 9.20 -22.04 -2.78
CA LYS A 90 8.51 -22.90 -3.75
C LYS A 90 6.98 -22.74 -3.71
N PHE A 91 6.43 -22.50 -2.54
CA PHE A 91 4.98 -22.32 -2.42
C PHE A 91 4.50 -20.96 -2.92
N GLY A 92 5.43 -20.07 -3.22
CA GLY A 92 5.13 -18.76 -3.79
C GLY A 92 4.71 -17.67 -2.79
N THR A 93 4.88 -17.93 -1.50
CA THR A 93 4.51 -16.94 -0.48
C THR A 93 5.53 -16.85 0.63
N THR A 94 5.27 -15.92 1.54
CA THR A 94 6.12 -15.74 2.72
C THR A 94 5.48 -16.39 3.94
N ASN A 95 4.51 -17.27 3.68
CA ASN A 95 3.81 -18.05 4.71
C ASN A 95 2.95 -17.26 5.66
N ILE A 96 2.74 -15.99 5.34
CA ILE A 96 1.77 -15.18 6.05
C ILE A 96 0.83 -14.59 5.02
N VAL A 97 -0.37 -14.26 5.48
CA VAL A 97 -1.32 -13.52 4.67
C VAL A 97 -1.58 -12.23 5.42
N ASN A 98 -1.44 -11.11 4.71
CA ASN A 98 -1.53 -9.82 5.36
C ASN A 98 -2.32 -8.80 4.56
N GLY A 99 -2.81 -7.79 5.26
CA GLY A 99 -3.51 -6.70 4.61
C GLY A 99 -4.37 -5.95 5.59
N LEU A 100 -5.21 -5.08 5.05
CA LEU A 100 -6.16 -4.31 5.83
C LEU A 100 -7.51 -5.00 5.84
N GLY A 101 -8.14 -5.01 7.02
CA GLY A 101 -9.51 -5.49 7.19
C GLY A 101 -10.25 -4.63 8.18
N ARG A 102 -11.58 -4.62 8.06
CA ARG A 102 -12.43 -3.84 8.95
C ARG A 102 -13.19 -4.77 9.89
N VAL A 103 -13.20 -4.44 11.17
CA VAL A 103 -13.86 -5.27 12.17
C VAL A 103 -14.87 -4.40 12.93
N ASP A 104 -16.15 -4.71 12.75
CA ASP A 104 -17.26 -3.89 13.24
C ASP A 104 -16.96 -2.39 13.08
N GLY A 105 -16.47 -2.04 11.90
CA GLY A 105 -16.25 -0.64 11.54
C GLY A 105 -14.86 -0.10 11.79
N LYS A 106 -14.06 -0.81 12.58
CA LYS A 106 -12.68 -0.40 12.88
C LYS A 106 -11.69 -1.09 11.95
N TRP A 107 -10.95 -0.29 11.20
CA TRP A 107 -9.89 -0.81 10.37
C TRP A 107 -8.73 -1.29 11.23
N VAL A 108 -8.19 -2.43 10.86
CA VAL A 108 -7.07 -3.03 11.58
C VAL A 108 -6.11 -3.55 10.54
N TYR A 109 -4.85 -3.69 10.92
CA TYR A 109 -3.91 -4.40 10.09
C TYR A 109 -3.83 -5.86 10.56
N ILE A 110 -3.96 -6.79 9.61
CA ILE A 110 -4.03 -8.21 9.92
C ILE A 110 -2.84 -8.97 9.37
N VAL A 111 -2.28 -9.85 10.19
CA VAL A 111 -1.25 -10.79 9.77
C VAL A 111 -1.70 -12.18 10.19
N ALA A 112 -1.82 -13.09 9.23
CA ALA A 112 -2.23 -14.47 9.53
C ALA A 112 -1.21 -15.47 9.02
N SER A 113 -0.67 -16.29 9.93
CA SER A 113 0.18 -17.41 9.58
C SER A 113 -0.57 -18.34 8.64
N ASP A 114 0.11 -18.77 7.58
CA ASP A 114 -0.46 -19.73 6.65
C ASP A 114 -0.16 -21.14 7.15
N ASN A 115 -1.14 -21.74 7.83
CA ASN A 115 -0.97 -23.07 8.44
C ASN A 115 -1.07 -24.25 7.47
N LYS A 116 -1.17 -23.95 6.18
CA LYS A 116 -1.08 -24.97 5.13
C LYS A 116 0.37 -25.29 4.85
N LYS A 117 1.25 -24.36 5.22
CA LYS A 117 2.65 -24.39 4.83
C LYS A 117 3.59 -24.54 6.04
N MET A 118 3.97 -25.79 6.31
CA MET A 118 4.77 -26.17 7.50
C MET A 118 4.27 -25.47 8.75
N ALA A 119 2.95 -25.55 8.96
CA ALA A 119 2.27 -24.88 10.07
C ALA A 119 2.81 -23.47 10.33
N GLY A 120 2.74 -22.63 9.30
CA GLY A 120 3.13 -21.22 9.37
C GLY A 120 4.56 -20.95 9.79
N ALA A 121 5.48 -21.82 9.36
CA ALA A 121 6.89 -21.67 9.69
C ALA A 121 7.48 -20.40 9.08
N TRP A 122 8.56 -19.93 9.70
CA TRP A 122 9.42 -18.90 9.13
C TRP A 122 9.97 -19.38 7.80
N VAL A 123 9.81 -18.57 6.75
CA VAL A 123 10.43 -18.82 5.46
C VAL A 123 11.14 -17.57 4.96
N PRO A 124 12.12 -17.73 4.04
CA PRO A 124 12.79 -16.55 3.51
C PRO A 124 11.81 -15.50 2.98
N GLY A 125 12.06 -14.24 3.31
CA GLY A 125 11.20 -13.14 2.88
C GLY A 125 10.14 -12.74 3.89
N GLN A 126 9.87 -13.63 4.85
CA GLN A 126 8.77 -13.44 5.81
C GLN A 126 9.01 -12.31 6.81
N ALA A 127 10.24 -12.21 7.33
CA ALA A 127 10.59 -11.13 8.25
C ALA A 127 10.35 -9.77 7.60
N GLU A 128 10.81 -9.64 6.34
CA GLU A 128 10.61 -8.43 5.57
C GLU A 128 9.13 -8.13 5.38
N ASN A 129 8.36 -9.17 5.03
CA ASN A 129 6.93 -9.04 4.86
C ASN A 129 6.28 -8.55 6.16
N LEU A 130 6.70 -9.12 7.29
CA LEU A 130 6.18 -8.75 8.60
C LEU A 130 6.52 -7.32 8.99
N ILE A 131 7.71 -6.88 8.60
CA ILE A 131 8.14 -5.51 8.90
C ILE A 131 7.29 -4.52 8.12
N ARG A 132 6.95 -4.87 6.90
CA ARG A 132 6.00 -4.06 6.12
C ARG A 132 4.64 -3.93 6.80
N CYS A 133 4.28 -4.94 7.57
CA CYS A 133 3.01 -4.93 8.30
C CYS A 133 3.10 -4.05 9.53
N SER A 134 4.16 -4.23 10.32
CA SER A 134 4.30 -3.42 11.54
C SER A 134 4.51 -1.94 11.18
N ASP A 135 5.34 -1.68 10.17
CA ASP A 135 5.53 -0.32 9.65
C ASP A 135 4.22 0.38 9.23
N ALA A 136 3.37 -0.34 8.50
CA ALA A 136 2.05 0.20 8.13
C ALA A 136 1.21 0.54 9.35
N ALA A 137 1.19 -0.37 10.32
CA ALA A 137 0.48 -0.17 11.58
C ALA A 137 1.02 1.06 12.33
N LYS A 138 2.34 1.21 12.34
CA LYS A 138 3.04 2.33 12.98
C LYS A 138 2.68 3.66 12.34
N MET A 139 2.84 3.71 11.03
CA MET A 139 2.59 4.93 10.27
C MET A 139 1.15 5.38 10.40
N MET A 140 0.21 4.44 10.42
CA MET A 140 -1.19 4.78 10.49
C MET A 140 -1.74 4.83 11.91
N HIS A 141 -0.93 4.43 12.89
CA HIS A 141 -1.38 4.31 14.29
C HIS A 141 -2.62 3.41 14.30
N LEU A 142 -2.47 2.24 13.71
CA LEU A 142 -3.57 1.34 13.45
C LEU A 142 -3.26 0.02 14.14
N PRO A 143 -4.25 -0.57 14.83
CA PRO A 143 -4.03 -1.82 15.56
C PRO A 143 -3.54 -2.94 14.65
N LEU A 144 -2.61 -3.73 15.18
CA LEU A 144 -2.07 -4.86 14.45
C LEU A 144 -2.62 -6.14 15.06
N ILE A 145 -3.16 -6.99 14.20
CA ILE A 145 -3.77 -8.24 14.62
C ILE A 145 -3.00 -9.40 14.05
N TYR A 146 -2.50 -10.27 14.92
CA TYR A 146 -1.94 -11.54 14.49
C TYR A 146 -2.93 -12.68 14.64
N LEU A 147 -3.12 -13.43 13.56
CA LEU A 147 -3.79 -14.72 13.61
C LEU A 147 -2.68 -15.75 13.52
N LEU A 148 -2.15 -16.12 14.69
CA LEU A 148 -0.85 -16.75 14.75
C LEU A 148 -0.89 -18.27 14.86
N ASN A 149 -0.11 -18.91 14.00
CA ASN A 149 0.00 -20.36 13.90
C ASN A 149 1.40 -20.62 13.35
N CYS A 150 2.42 -20.44 14.19
CA CYS A 150 3.80 -20.36 13.71
C CYS A 150 4.74 -21.35 14.39
N SER A 151 5.15 -22.37 13.63
CA SER A 151 6.01 -23.44 14.16
C SER A 151 7.48 -23.01 14.28
N GLY A 152 7.77 -21.76 13.94
CA GLY A 152 9.13 -21.22 14.03
C GLY A 152 10.01 -21.56 12.84
N VAL A 153 11.28 -21.86 13.12
CA VAL A 153 12.30 -22.03 12.09
C VAL A 153 12.33 -23.43 11.46
N GLU A 154 12.40 -23.47 10.13
CA GLU A 154 12.76 -24.69 9.40
C GLU A 154 14.28 -24.84 9.44
N PHE A 155 14.73 -26.04 9.80
CA PHE A 155 16.14 -26.31 10.01
C PHE A 155 17.06 -26.17 8.78
N PRO A 156 16.57 -26.56 7.58
CA PRO A 156 17.39 -26.38 6.36
C PRO A 156 17.82 -24.94 6.05
N ASN A 157 16.96 -23.96 6.36
CA ASN A 157 17.17 -22.58 5.90
C ASN A 157 17.30 -21.53 7.02
N GLN A 158 17.59 -21.98 8.23
CA GLN A 158 17.69 -21.09 9.41
C GLN A 158 18.54 -19.83 9.15
N ASP A 159 19.62 -19.98 8.39
CA ASP A 159 20.55 -18.90 8.10
C ASP A 159 19.90 -17.72 7.37
N LYS A 160 18.76 -17.98 6.73
CA LYS A 160 18.08 -16.98 5.93
C LYS A 160 16.92 -16.34 6.68
N VAL A 161 16.58 -16.91 7.83
CA VAL A 161 15.37 -16.51 8.58
C VAL A 161 15.62 -16.17 10.04
N TYR A 162 16.66 -16.77 10.62
CA TYR A 162 16.92 -16.58 12.04
C TYR A 162 17.68 -15.28 12.38
N PRO A 163 18.83 -15.03 11.71
CA PRO A 163 19.75 -14.00 12.20
C PRO A 163 19.50 -12.62 11.60
N ASN A 164 20.43 -11.71 11.84
CA ASN A 164 20.52 -10.43 11.14
C ASN A 164 19.55 -9.35 11.65
N ARG A 165 19.83 -8.11 11.27
CA ARG A 165 19.07 -6.92 11.67
C ARG A 165 17.57 -6.99 11.37
N ARG A 166 17.23 -7.60 10.24
CA ARG A 166 15.84 -7.65 9.79
C ARG A 166 15.42 -9.09 9.52
N GLY A 167 15.62 -9.93 10.51
CA GLY A 167 15.28 -11.34 10.42
C GLY A 167 14.17 -11.65 11.40
N GLY A 168 14.05 -12.93 11.77
CA GLY A 168 12.95 -13.40 12.60
C GLY A 168 12.79 -12.71 13.95
N GLY A 169 13.83 -12.03 14.41
CA GLY A 169 13.81 -11.38 15.72
C GLY A 169 13.34 -9.93 15.72
N THR A 170 13.33 -9.31 14.55
CA THR A 170 12.96 -7.90 14.43
C THR A 170 11.50 -7.60 14.83
N PRO A 171 10.53 -8.40 14.35
CA PRO A 171 9.11 -8.17 14.69
C PRO A 171 8.76 -8.11 16.18
N PHE A 172 9.57 -8.74 17.03
CA PHE A 172 9.30 -8.72 18.47
C PHE A 172 9.65 -7.35 19.06
N PHE A 173 10.71 -6.74 18.52
CA PHE A 173 11.06 -5.35 18.79
C PHE A 173 10.04 -4.41 18.16
N ARG A 174 9.64 -4.73 16.94
CA ARG A 174 8.63 -3.94 16.23
C ARG A 174 7.30 -3.92 16.98
N ASN A 175 6.97 -5.02 17.64
CA ASN A 175 5.76 -5.09 18.47
C ASN A 175 5.87 -4.26 19.73
N SER A 176 7.07 -4.22 20.33
CA SER A 176 7.34 -3.38 21.50
C SER A 176 7.29 -1.90 21.16
N GLU A 177 7.88 -1.53 20.02
CA GLU A 177 7.78 -0.17 19.52
C GLU A 177 6.34 0.27 19.28
N LEU A 178 5.55 -0.58 18.62
CA LEU A 178 4.12 -0.31 18.43
C LEU A 178 3.44 0.00 19.76
N ASN A 179 3.67 -0.87 20.74
CA ASN A 179 3.15 -0.70 22.09
C ASN A 179 3.61 0.61 22.74
N GLN A 180 4.90 0.89 22.65
CA GLN A 180 5.46 2.13 23.21
C GLN A 180 4.93 3.37 22.50
N LEU A 181 4.55 3.20 21.23
CA LEU A 181 3.85 4.25 20.48
C LEU A 181 2.34 4.27 20.76
N GLY A 182 1.85 3.38 21.62
CA GLY A 182 0.44 3.36 21.98
C GLY A 182 -0.42 2.64 20.96
N ILE A 183 0.22 1.82 20.13
CA ILE A 183 -0.49 1.02 19.14
C ILE A 183 -0.59 -0.43 19.62
N PRO A 184 -1.82 -0.87 19.92
CA PRO A 184 -2.05 -2.20 20.46
C PRO A 184 -1.85 -3.31 19.41
N VAL A 185 -1.25 -4.40 19.85
CA VAL A 185 -1.09 -5.59 19.03
C VAL A 185 -1.94 -6.67 19.68
N ILE A 186 -2.75 -7.36 18.89
CA ILE A 186 -3.62 -8.40 19.42
C ILE A 186 -3.30 -9.70 18.70
N VAL A 187 -2.99 -10.74 19.47
CA VAL A 187 -2.69 -12.04 18.89
C VAL A 187 -3.69 -13.11 19.30
N GLY A 188 -4.25 -13.78 18.29
CA GLY A 188 -4.93 -15.06 18.47
C GLY A 188 -3.89 -16.12 18.25
N ILE A 189 -3.66 -16.93 19.28
CA ILE A 189 -2.59 -17.93 19.28
C ILE A 189 -3.14 -19.32 18.99
N TYR A 190 -2.73 -19.87 17.86
CA TYR A 190 -3.15 -21.21 17.41
C TYR A 190 -1.98 -22.18 17.35
N GLY A 191 -2.27 -23.44 17.67
CA GLY A 191 -1.31 -24.53 17.52
C GLY A 191 -0.03 -24.34 18.30
N THR A 192 1.07 -24.85 17.73
CA THR A 192 2.34 -24.92 18.41
C THR A 192 3.23 -23.74 18.01
N ASN A 193 3.63 -22.95 19.01
CA ASN A 193 4.44 -21.77 18.78
C ASN A 193 5.70 -21.76 19.65
N PRO A 194 6.70 -22.57 19.27
CA PRO A 194 7.95 -22.57 20.01
C PRO A 194 8.91 -21.52 19.44
N ALA A 195 9.84 -21.04 20.27
CA ALA A 195 10.86 -20.07 19.85
C ALA A 195 10.26 -18.88 19.08
N GLY A 196 10.39 -18.91 17.75
CA GLY A 196 9.91 -17.82 16.89
C GLY A 196 8.43 -17.50 17.03
N GLY A 197 7.61 -18.55 17.02
CA GLY A 197 6.18 -18.42 17.27
C GLY A 197 5.90 -18.01 18.70
N GLY A 198 6.70 -18.52 19.64
CA GLY A 198 6.59 -18.15 21.05
C GLY A 198 6.76 -16.66 21.26
N TYR A 199 7.76 -16.09 20.60
CA TYR A 199 8.00 -14.67 20.67
C TYR A 199 6.98 -13.84 19.91
N HIS A 200 6.47 -14.39 18.83
CA HIS A 200 5.34 -13.80 18.14
C HIS A 200 4.09 -13.82 19.01
N SER A 201 4.01 -14.81 19.90
CA SER A 201 2.88 -14.93 20.82
C SER A 201 2.99 -13.97 22.00
N ILE A 202 4.19 -13.82 22.55
CA ILE A 202 4.40 -13.01 23.75
C ILE A 202 4.58 -11.50 23.50
N SER A 203 5.02 -11.14 22.30
CA SER A 203 5.33 -9.73 21.99
C SER A 203 4.11 -8.79 21.91
N PRO A 204 2.94 -9.29 21.44
CA PRO A 204 1.72 -8.49 21.42
C PRO A 204 1.22 -8.00 22.78
N THR A 205 0.25 -7.09 22.69
CA THR A 205 -0.40 -6.48 23.85
C THR A 205 -1.40 -7.47 24.48
N ILE A 206 -2.21 -8.11 23.63
CA ILE A 206 -3.28 -9.00 24.06
C ILE A 206 -3.09 -10.40 23.50
N LEU A 207 -3.12 -11.39 24.39
CA LEU A 207 -2.94 -12.79 24.01
C LEU A 207 -4.21 -13.62 24.18
N ILE A 208 -4.81 -13.98 23.06
CA ILE A 208 -5.97 -14.87 23.03
C ILE A 208 -5.47 -16.21 22.52
N ALA A 209 -5.64 -17.25 23.33
CA ALA A 209 -5.15 -18.57 22.99
C ALA A 209 -6.26 -19.56 22.63
N HIS A 210 -5.91 -20.50 21.76
CA HIS A 210 -6.72 -21.69 21.52
C HIS A 210 -6.41 -22.69 22.62
N GLN A 211 -7.44 -23.37 23.12
CA GLN A 211 -7.29 -24.36 24.20
C GLN A 211 -6.17 -25.37 23.98
N ASP A 212 -5.81 -25.62 22.73
CA ASP A 212 -4.77 -26.61 22.41
C ASP A 212 -3.47 -25.96 21.96
N ALA A 213 -3.46 -24.63 21.93
CA ALA A 213 -2.28 -23.90 21.52
C ALA A 213 -1.23 -23.87 22.62
N ASN A 214 -0.01 -23.51 22.21
CA ASN A 214 1.07 -23.34 23.14
C ASN A 214 2.02 -22.26 22.65
N MET A 215 2.66 -21.57 23.58
CA MET A 215 3.79 -20.71 23.23
C MET A 215 4.90 -20.99 24.21
N ALA A 216 6.12 -21.02 23.69
CA ALA A 216 7.26 -21.40 24.51
C ALA A 216 8.55 -20.86 23.94
N VAL A 217 9.53 -20.69 24.82
CA VAL A 217 10.91 -20.38 24.44
C VAL A 217 11.43 -21.43 23.46
N GLY A 218 11.16 -22.70 23.76
CA GLY A 218 11.61 -23.81 22.94
C GLY A 218 10.94 -25.08 23.42
N LYS A 251 3.67 -39.07 27.59
CA LYS A 251 3.13 -38.26 26.49
C LYS A 251 3.30 -36.76 26.80
N VAL A 252 4.48 -36.43 27.36
CA VAL A 252 4.85 -35.07 27.79
C VAL A 252 4.25 -33.96 26.93
N PRO A 253 3.51 -33.03 27.56
CA PRO A 253 2.82 -31.97 26.80
C PRO A 253 3.83 -31.00 26.18
N ALA A 254 3.48 -30.48 25.01
CA ALA A 254 4.26 -29.43 24.36
C ALA A 254 4.45 -28.30 25.37
N PRO A 255 5.70 -27.80 25.50
CA PRO A 255 5.99 -26.73 26.46
C PRO A 255 5.09 -25.50 26.28
N GLY A 256 4.64 -24.95 27.41
CA GLY A 256 3.86 -23.72 27.42
C GLY A 256 2.45 -23.84 26.89
N SER A 257 1.78 -24.95 27.22
CA SER A 257 0.38 -25.12 26.85
C SER A 257 -0.50 -24.32 27.81
N VAL A 258 -1.81 -24.37 27.57
CA VAL A 258 -2.80 -23.68 28.41
C VAL A 258 -2.65 -23.93 29.93
N PRO A 259 -2.48 -25.22 30.36
CA PRO A 259 -2.22 -25.44 31.79
C PRO A 259 -1.04 -24.62 32.35
N ILE A 260 -0.17 -24.16 31.47
CA ILE A 260 0.98 -23.35 31.87
C ILE A 260 0.69 -21.86 31.69
N HIS A 261 0.39 -21.44 30.46
CA HIS A 261 0.31 -20.00 30.16
C HIS A 261 -1.03 -19.36 30.44
N TYR A 262 -2.03 -20.17 30.77
CA TYR A 262 -3.26 -19.65 31.33
C TYR A 262 -3.21 -19.80 32.84
N ASP A 263 -3.07 -21.05 33.30
CA ASP A 263 -3.20 -21.39 34.72
C ASP A 263 -2.07 -20.88 35.58
N GLU A 264 -0.83 -20.94 35.08
CA GLU A 264 0.33 -20.54 35.88
C GLU A 264 0.76 -19.09 35.62
N THR A 265 1.34 -18.83 34.45
CA THR A 265 1.87 -17.50 34.09
C THR A 265 0.79 -16.44 33.91
N GLY A 266 -0.36 -16.82 33.37
CA GLY A 266 -1.44 -15.88 33.11
C GLY A 266 -1.18 -15.02 31.88
N PHE A 267 -0.22 -15.44 31.07
CA PHE A 267 0.12 -14.74 29.84
C PHE A 267 -1.00 -14.81 28.81
N PHE A 268 -1.58 -16.01 28.64
CA PHE A 268 -2.86 -16.16 27.92
C PHE A 268 -3.92 -15.50 28.76
N ARG A 269 -4.44 -14.38 28.29
CA ARG A 269 -5.45 -13.64 29.02
C ARG A 269 -6.81 -14.31 28.86
N GLU A 270 -7.08 -14.83 27.67
CA GLU A 270 -8.29 -15.59 27.41
C GLU A 270 -8.02 -16.85 26.61
N VAL A 271 -8.79 -17.90 26.89
CA VAL A 271 -8.67 -19.17 26.20
C VAL A 271 -10.02 -19.54 25.60
N TYR A 272 -10.01 -20.09 24.40
CA TYR A 272 -11.25 -20.49 23.74
C TYR A 272 -11.14 -21.89 23.16
N GLN A 273 -12.29 -22.55 23.05
CA GLN A 273 -12.40 -23.94 22.59
C GLN A 273 -11.89 -24.12 21.18
N ASN A 274 -12.17 -23.14 20.33
CA ASN A 274 -11.96 -23.29 18.90
C ASN A 274 -11.54 -21.99 18.22
N ASP A 275 -11.10 -22.13 16.97
CA ASP A 275 -10.63 -21.02 16.16
C ASP A 275 -11.59 -19.84 16.10
N LEU A 276 -12.88 -20.15 15.92
CA LEU A 276 -13.90 -19.10 15.84
C LEU A 276 -14.10 -18.37 17.17
N GLY A 277 -13.93 -19.08 18.28
CA GLY A 277 -14.01 -18.48 19.60
C GLY A 277 -12.87 -17.49 19.83
N VAL A 278 -11.68 -17.89 19.36
CA VAL A 278 -10.49 -17.06 19.44
C VAL A 278 -10.71 -15.78 18.63
N ILE A 279 -11.22 -15.94 17.42
CA ILE A 279 -11.59 -14.82 16.55
C ILE A 279 -12.58 -13.86 17.24
N ASP A 280 -13.59 -14.44 17.89
CA ASP A 280 -14.59 -13.64 18.59
C ASP A 280 -13.98 -12.97 19.82
N GLY A 281 -13.00 -13.62 20.43
CA GLY A 281 -12.23 -13.01 21.50
C GLY A 281 -11.50 -11.80 20.94
N ILE A 282 -10.86 -12.01 19.80
CA ILE A 282 -10.14 -10.93 19.11
C ILE A 282 -11.09 -9.78 18.77
N LYS A 283 -12.26 -10.09 18.22
CA LYS A 283 -13.27 -9.09 17.89
C LYS A 283 -13.63 -8.26 19.11
N LYS A 284 -13.71 -8.93 20.25
CA LYS A 284 -14.10 -8.29 21.50
C LYS A 284 -13.05 -7.24 21.92
N TYR A 285 -11.78 -7.64 21.94
CA TYR A 285 -10.69 -6.71 22.24
C TYR A 285 -10.52 -5.58 21.23
N ILE A 286 -10.76 -5.88 19.95
CA ILE A 286 -10.84 -4.84 18.92
C ILE A 286 -12.00 -3.85 19.20
N SER A 287 -13.15 -4.37 19.64
CA SER A 287 -14.25 -3.47 20.02
C SER A 287 -13.85 -2.52 21.16
N TYR A 288 -12.84 -2.92 21.93
CA TYR A 288 -12.34 -2.12 23.05
C TYR A 288 -11.43 -0.98 22.61
N LEU A 289 -10.99 -1.02 21.37
CA LEU A 289 -9.93 -0.13 20.90
C LEU A 289 -10.46 1.25 20.58
N PRO A 290 -9.61 2.28 20.78
CA PRO A 290 -10.05 3.64 20.50
C PRO A 290 -10.13 3.85 18.99
N ALA A 291 -11.16 4.57 18.55
CA ALA A 291 -11.32 4.87 17.15
C ALA A 291 -12.30 6.00 17.09
N TYR A 292 -12.05 6.96 16.20
CA TYR A 292 -13.01 8.00 15.93
C TYR A 292 -14.20 7.43 15.20
N ASN A 293 -15.36 8.02 15.43
CA ASN A 293 -16.42 7.91 14.45
C ASN A 293 -15.95 8.87 13.36
N LEU A 294 -15.75 8.34 12.16
CA LEU A 294 -15.12 9.09 11.08
C LEU A 294 -15.86 10.38 10.73
N GLU A 295 -17.13 10.43 11.10
CA GLU A 295 -17.97 11.63 10.94
C GLU A 295 -17.29 12.88 11.51
N PHE A 296 -16.52 12.69 12.58
CA PHE A 296 -15.76 13.76 13.24
C PHE A 296 -14.87 14.48 12.23
N PHE A 297 -14.29 13.72 11.31
CA PHE A 297 -13.33 14.27 10.36
C PHE A 297 -13.89 14.56 8.97
N ARG A 298 -15.09 14.05 8.69
CA ARG A 298 -15.75 14.30 7.41
C ARG A 298 -16.02 15.78 7.18
N VAL A 299 -15.92 16.20 5.93
CA VAL A 299 -16.26 17.55 5.52
C VAL A 299 -17.51 17.51 4.65
N ASP A 300 -18.05 16.30 4.48
CA ASP A 300 -19.17 16.03 3.59
C ASP A 300 -19.69 14.62 3.84
N THR A 301 -20.94 14.40 3.47
CA THR A 301 -21.52 13.07 3.37
C THR A 301 -20.68 12.22 2.40
N PRO A 302 -20.34 10.98 2.79
CA PRO A 302 -19.67 10.14 1.79
C PRO A 302 -20.51 10.06 0.51
N LYS A 303 -19.86 10.22 -0.63
CA LYS A 303 -20.55 10.11 -1.92
C LYS A 303 -19.72 9.28 -2.89
N ALA A 304 -20.39 8.39 -3.62
CA ALA A 304 -19.77 7.62 -4.68
C ALA A 304 -19.27 8.58 -5.77
N PRO A 305 -18.24 8.17 -6.52
CA PRO A 305 -17.88 8.96 -7.70
C PRO A 305 -19.07 9.07 -8.67
N GLN A 306 -19.09 10.10 -9.48
CA GLN A 306 -20.20 10.28 -10.43
C GLN A 306 -20.04 9.42 -11.67
N LEU A 307 -18.80 9.06 -11.98
CA LEU A 307 -18.48 8.25 -13.14
C LEU A 307 -18.00 6.87 -12.68
N PRO A 308 -18.39 5.79 -13.39
CA PRO A 308 -18.09 4.42 -12.94
C PRO A 308 -16.62 4.01 -13.12
N ALA A 309 -16.12 3.22 -12.18
CA ALA A 309 -14.73 2.77 -12.18
C ALA A 309 -14.40 1.84 -13.34
N GLU A 310 -15.40 1.09 -13.83
CA GLU A 310 -15.22 0.14 -14.94
C GLU A 310 -14.66 0.82 -16.19
N ASP A 311 -14.89 2.13 -16.33
CA ASP A 311 -14.33 2.92 -17.42
C ASP A 311 -12.80 3.00 -17.36
N LEU A 312 -12.23 2.81 -16.17
CA LEU A 312 -10.76 2.86 -16.01
C LEU A 312 -10.08 1.84 -16.92
N TYR A 313 -10.79 0.73 -17.13
CA TYR A 313 -10.37 -0.32 -18.07
C TYR A 313 -10.25 0.15 -19.53
N SER A 314 -10.93 1.25 -19.87
CA SER A 314 -10.79 1.87 -21.19
C SER A 314 -9.87 3.10 -21.12
N ILE A 315 -9.95 3.84 -20.01
CA ILE A 315 -9.22 5.09 -19.82
C ILE A 315 -7.71 4.88 -19.71
N ILE A 316 -7.28 3.97 -18.83
CA ILE A 316 -5.87 3.72 -18.62
C ILE A 316 -5.32 2.77 -19.68
N PRO A 317 -4.49 3.29 -20.61
CA PRO A 317 -4.02 2.49 -21.74
C PRO A 317 -2.91 1.51 -21.41
N MET A 318 -3.14 0.25 -21.76
CA MET A 318 -2.11 -0.78 -21.73
C MET A 318 -0.99 -0.51 -22.75
N ASN A 319 -1.32 0.26 -23.78
CA ASN A 319 -0.32 0.79 -24.70
C ASN A 319 0.42 1.91 -23.99
N GLN A 320 1.63 1.60 -23.51
CA GLN A 320 2.39 2.53 -22.68
C GLN A 320 2.83 3.80 -23.41
N LYS A 321 2.66 3.81 -24.73
CA LYS A 321 2.99 4.99 -25.55
C LYS A 321 1.83 5.95 -25.65
N ARG A 322 0.62 5.46 -25.38
CA ARG A 322 -0.59 6.25 -25.44
C ARG A 322 -0.79 7.08 -24.18
N PRO A 323 -1.17 8.37 -24.33
CA PRO A 323 -1.52 9.19 -23.20
C PRO A 323 -2.99 9.04 -22.79
N TYR A 324 -3.35 9.62 -21.66
CA TYR A 324 -4.73 9.61 -21.17
C TYR A 324 -4.95 10.84 -20.28
N ASP A 325 -6.21 11.15 -19.99
CA ASP A 325 -6.52 12.28 -19.11
C ASP A 325 -6.62 11.79 -17.66
N ILE A 326 -5.63 12.15 -16.85
CA ILE A 326 -5.59 11.79 -15.41
C ILE A 326 -6.84 12.22 -14.65
N TYR A 327 -7.42 13.35 -15.04
CA TYR A 327 -8.67 13.83 -14.44
C TYR A 327 -9.79 12.78 -14.53
N GLU A 328 -9.76 11.95 -15.57
CA GLU A 328 -10.75 10.89 -15.74
C GLU A 328 -10.55 9.78 -14.73
N VAL A 329 -9.32 9.59 -14.28
CA VAL A 329 -9.00 8.62 -13.24
C VAL A 329 -9.42 9.17 -11.89
N ILE A 330 -8.98 10.40 -11.59
CA ILE A 330 -9.28 11.06 -10.31
C ILE A 330 -10.79 11.17 -10.11
N ALA A 331 -11.51 11.38 -11.20
CA ALA A 331 -12.98 11.49 -11.19
C ALA A 331 -13.64 10.20 -10.74
N ARG A 332 -12.99 9.08 -11.00
CA ARG A 332 -13.57 7.78 -10.70
C ARG A 332 -13.12 7.17 -9.37
N LEU A 333 -12.17 7.82 -8.70
CA LEU A 333 -11.64 7.29 -7.45
C LEU A 333 -12.08 8.07 -6.24
N PHE A 334 -12.46 9.33 -6.45
CA PHE A 334 -12.77 10.20 -5.33
C PHE A 334 -14.22 10.64 -5.31
N ASP A 335 -14.68 11.02 -4.13
CA ASP A 335 -16.09 11.28 -3.85
C ASP A 335 -16.74 12.29 -4.79
N ASN A 336 -17.91 11.91 -5.34
CA ASN A 336 -18.73 12.80 -6.15
C ASN A 336 -18.00 13.41 -7.34
N SER A 337 -16.97 12.71 -7.82
CA SER A 337 -16.03 13.25 -8.81
C SER A 337 -15.65 14.71 -8.52
N GLU A 338 -15.62 15.05 -7.25
CA GLU A 338 -15.19 16.38 -6.84
C GLU A 338 -13.69 16.42 -6.65
N PHE A 339 -13.11 17.58 -6.93
CA PHE A 339 -11.67 17.79 -6.82
C PHE A 339 -11.36 19.28 -6.78
N SER A 340 -10.55 19.67 -5.80
CA SER A 340 -10.21 21.06 -5.58
C SER A 340 -8.73 21.28 -5.85
N GLU A 341 -8.41 21.71 -7.06
CA GLU A 341 -7.03 21.72 -7.52
C GLU A 341 -6.20 22.85 -6.93
N TYR A 342 -4.99 22.48 -6.52
CA TYR A 342 -4.00 23.44 -6.05
C TYR A 342 -3.14 23.89 -7.21
N LYS A 343 -3.11 25.20 -7.40
CA LYS A 343 -2.27 25.86 -8.42
C LYS A 343 -2.39 25.29 -9.85
N LYS A 344 -3.64 25.11 -10.29
CA LYS A 344 -3.93 24.73 -11.67
C LYS A 344 -3.30 25.73 -12.65
N GLY A 345 -2.58 25.20 -13.64
CA GLY A 345 -1.87 26.04 -14.61
C GLY A 345 -0.40 26.25 -14.28
N TYR A 346 -0.05 26.13 -13.01
CA TYR A 346 1.34 26.17 -12.58
C TYR A 346 1.80 24.73 -12.38
N GLY A 347 2.92 24.37 -13.02
CA GLY A 347 3.39 22.99 -13.00
C GLY A 347 2.38 22.05 -13.62
N PRO A 348 2.03 22.29 -14.91
CA PRO A 348 0.94 21.53 -15.54
C PRO A 348 1.30 20.06 -15.79
N GLU A 349 2.55 19.68 -15.52
CA GLU A 349 2.95 18.27 -15.59
C GLU A 349 2.40 17.46 -14.41
N MET A 350 1.96 18.17 -13.38
CA MET A 350 1.39 17.53 -12.20
C MET A 350 0.00 18.06 -11.89
N VAL A 351 -0.82 17.18 -11.34
CA VAL A 351 -2.06 17.57 -10.69
C VAL A 351 -1.85 17.42 -9.17
N THR A 352 -2.06 18.51 -8.43
CA THR A 352 -2.10 18.46 -6.98
C THR A 352 -3.38 19.14 -6.54
N GLY A 353 -4.12 18.50 -5.64
CA GLY A 353 -5.32 19.13 -5.12
C GLY A 353 -6.01 18.29 -4.07
N LEU A 354 -7.05 18.85 -3.46
CA LEU A 354 -7.81 18.12 -2.44
C LEU A 354 -8.98 17.37 -3.05
N ALA A 355 -9.28 16.24 -2.44
CA ALA A 355 -10.39 15.41 -2.82
C ALA A 355 -10.97 14.83 -1.55
N LYS A 356 -12.06 14.08 -1.71
CA LYS A 356 -12.73 13.46 -0.58
C LYS A 356 -12.83 11.97 -0.79
N VAL A 357 -12.64 11.24 0.30
CA VAL A 357 -12.77 9.79 0.31
C VAL A 357 -13.68 9.48 1.46
N ASN A 358 -14.86 8.95 1.15
CA ASN A 358 -15.92 8.76 2.13
C ASN A 358 -16.08 9.98 3.03
N GLY A 359 -16.12 11.16 2.39
CA GLY A 359 -16.27 12.43 3.08
C GLY A 359 -15.01 13.00 3.73
N LEU A 360 -13.93 12.23 3.74
CA LEU A 360 -12.68 12.63 4.39
C LEU A 360 -11.73 13.32 3.43
N LEU A 361 -11.01 14.33 3.92
CA LEU A 361 -10.04 15.06 3.10
C LEU A 361 -8.75 14.28 2.85
N VAL A 362 -8.37 14.20 1.57
CA VAL A 362 -7.08 13.69 1.13
C VAL A 362 -6.45 14.70 0.17
N GLY A 363 -5.13 14.68 0.08
CA GLY A 363 -4.41 15.45 -0.91
C GLY A 363 -4.01 14.48 -2.00
N VAL A 364 -4.30 14.82 -3.25
CA VAL A 364 -4.00 13.93 -4.36
C VAL A 364 -2.90 14.51 -5.22
N ILE A 365 -1.89 13.71 -5.51
CA ILE A 365 -0.80 14.14 -6.37
C ILE A 365 -0.61 13.13 -7.51
N ALA A 366 -0.90 13.59 -8.72
CA ALA A 366 -1.00 12.71 -9.87
C ALA A 366 -0.30 13.29 -11.08
N ASN A 367 0.36 12.43 -11.84
CA ASN A 367 0.99 12.85 -13.07
C ASN A 367 -0.03 13.20 -14.13
N VAL A 368 0.31 14.19 -14.93
CA VAL A 368 -0.47 14.54 -16.11
C VAL A 368 0.19 13.89 -17.32
N GLN A 369 -0.60 13.22 -18.16
CA GLN A 369 -0.09 12.68 -19.42
C GLN A 369 -0.36 13.60 -20.61
N GLY A 370 0.41 13.41 -21.68
CA GLY A 370 0.24 14.16 -22.90
C GLY A 370 1.32 15.21 -23.08
N LEU A 371 1.47 15.69 -24.30
CA LEU A 371 2.46 16.71 -24.58
C LEU A 371 2.00 18.05 -24.03
N LEU A 372 2.96 18.82 -23.52
CA LEU A 372 2.67 20.11 -22.91
C LEU A 372 3.32 21.21 -23.74
N MET A 373 2.51 21.90 -24.53
CA MET A 373 2.99 22.93 -25.45
C MET A 373 3.63 24.09 -24.70
N ASN A 374 4.72 24.62 -25.27
CA ASN A 374 5.47 25.74 -24.70
C ASN A 374 5.82 25.45 -23.25
N TYR A 375 6.32 24.27 -22.95
CA TYR A 375 6.68 23.92 -21.60
C TYR A 375 7.91 23.06 -21.72
N PRO A 376 8.88 23.16 -20.83
CA PRO A 376 8.79 23.95 -19.62
C PRO A 376 9.31 25.33 -19.83
N GLU A 377 9.18 26.16 -18.83
CA GLU A 377 9.44 27.56 -18.93
C GLU A 377 10.90 27.96 -19.02
N TYR A 378 11.80 27.08 -18.64
CA TYR A 378 13.23 27.41 -18.66
C TYR A 378 13.88 27.01 -19.98
N LYS A 379 13.08 26.45 -20.89
CA LYS A 379 13.52 26.16 -22.24
C LYS A 379 12.78 27.02 -23.26
N GLN A 380 13.39 27.20 -24.43
CA GLN A 380 12.78 27.95 -25.51
C GLN A 380 12.13 27.02 -26.54
N ASN A 381 10.97 27.42 -27.03
CA ASN A 381 10.21 26.67 -28.05
C ASN A 381 10.25 25.17 -27.77
N SER A 382 9.71 24.78 -26.63
CA SER A 382 9.82 23.39 -26.20
C SER A 382 8.47 22.77 -25.92
N VAL A 383 8.42 21.45 -26.01
CA VAL A 383 7.23 20.71 -25.61
C VAL A 383 7.58 19.79 -24.45
N GLY A 384 6.76 19.85 -23.40
CA GLY A 384 6.97 19.02 -22.23
C GLY A 384 6.26 17.69 -22.37
N ILE A 385 6.89 16.67 -21.79
CA ILE A 385 6.33 15.33 -21.80
C ILE A 385 5.61 15.07 -20.47
N GLY A 386 4.32 14.77 -20.55
CA GLY A 386 3.56 14.36 -19.38
C GLY A 386 4.16 13.06 -18.85
N GLY A 387 4.21 12.93 -17.53
CA GLY A 387 4.89 11.80 -16.89
C GLY A 387 6.29 12.19 -16.44
N LYS A 388 6.75 13.35 -16.90
CA LYS A 388 8.05 13.85 -16.47
C LYS A 388 7.87 14.99 -15.48
N LEU A 389 8.91 15.23 -14.69
CA LEU A 389 8.86 16.26 -13.68
C LEU A 389 9.75 17.43 -14.08
N TYR A 390 9.21 18.62 -13.93
CA TYR A 390 9.91 19.86 -14.27
C TYR A 390 9.94 20.75 -13.04
N ARG A 391 10.44 21.96 -13.19
CA ARG A 391 10.66 22.82 -12.03
C ARG A 391 9.37 23.14 -11.30
N GLN A 392 8.36 23.58 -12.04
CA GLN A 392 7.12 24.06 -11.44
C GLN A 392 6.32 22.97 -10.72
N GLY A 393 6.16 21.81 -11.36
CA GLY A 393 5.51 20.66 -10.73
C GLY A 393 6.20 20.23 -9.45
N LEU A 394 7.55 20.21 -9.45
CA LEU A 394 8.33 19.88 -8.25
C LEU A 394 8.11 20.87 -7.12
N ILE A 395 8.20 22.16 -7.43
CA ILE A 395 7.93 23.21 -6.45
C ILE A 395 6.47 23.14 -6.01
N LYS A 396 5.55 23.01 -6.98
CA LYS A 396 4.13 22.90 -6.64
C LYS A 396 3.90 21.73 -5.69
N MET A 397 4.55 20.60 -5.95
CA MET A 397 4.43 19.43 -5.08
C MET A 397 5.05 19.65 -3.71
N ASN A 398 6.27 20.19 -3.68
CA ASN A 398 6.89 20.61 -2.43
C ASN A 398 5.96 21.40 -1.53
N GLU A 399 5.33 22.42 -2.12
CA GLU A 399 4.40 23.30 -1.43
C GLU A 399 3.15 22.58 -0.97
N PHE A 400 2.57 21.77 -1.86
CA PHE A 400 1.34 21.06 -1.55
C PHE A 400 1.52 20.04 -0.44
N VAL A 401 2.60 19.25 -0.51
CA VAL A 401 2.94 18.29 0.55
C VAL A 401 3.07 19.05 1.87
N THR A 402 3.79 20.17 1.83
CA THR A 402 4.04 20.97 3.01
C THR A 402 2.76 21.57 3.58
N LEU A 403 1.88 22.03 2.68
CA LEU A 403 0.55 22.52 3.07
C LEU A 403 -0.29 21.42 3.69
N CYS A 404 -0.34 20.26 3.03
CA CYS A 404 -1.08 19.10 3.55
C CYS A 404 -0.49 18.59 4.86
N ALA A 405 0.83 18.56 4.95
CA ALA A 405 1.54 18.22 6.20
C ALA A 405 1.02 19.08 7.36
N ARG A 406 1.04 20.39 7.16
CA ARG A 406 0.55 21.33 8.15
C ARG A 406 -0.94 21.11 8.47
N ASP A 407 -1.71 20.71 7.47
CA ASP A 407 -3.15 20.54 7.65
C ASP A 407 -3.51 19.14 8.11
N ARG A 408 -2.51 18.28 8.20
CA ARG A 408 -2.70 16.89 8.62
C ARG A 408 -3.60 16.13 7.65
N ILE A 409 -3.53 16.51 6.37
CA ILE A 409 -4.28 15.83 5.33
C ILE A 409 -3.39 14.77 4.69
N PRO A 410 -3.80 13.49 4.77
CA PRO A 410 -2.97 12.43 4.21
C PRO A 410 -2.87 12.52 2.70
N LEU A 411 -1.76 12.06 2.15
CA LEU A 411 -1.46 12.18 0.73
C LEU A 411 -1.67 10.88 0.00
N ILE A 412 -2.34 10.95 -1.14
CA ILE A 412 -2.43 9.80 -2.04
C ILE A 412 -1.71 10.17 -3.33
N TRP A 413 -0.70 9.40 -3.69
CA TRP A 413 0.09 9.66 -4.89
C TRP A 413 -0.31 8.68 -6.00
N LEU A 414 -0.64 9.23 -7.15
CA LEU A 414 -0.98 8.43 -8.33
C LEU A 414 0.16 8.57 -9.32
N GLN A 415 1.01 7.56 -9.39
CA GLN A 415 2.19 7.63 -10.23
C GLN A 415 1.93 7.07 -11.63
N ASP A 416 2.30 7.87 -12.61
CA ASP A 416 2.51 7.40 -13.97
C ASP A 416 3.66 8.25 -14.49
N THR A 417 4.88 7.81 -14.24
CA THR A 417 6.02 8.69 -14.42
C THR A 417 7.19 8.07 -15.20
N THR A 418 7.88 8.91 -15.96
CA THR A 418 9.06 8.51 -16.71
C THR A 418 10.30 9.27 -16.26
N GLY A 419 10.16 10.07 -15.21
CA GLY A 419 11.32 10.68 -14.58
C GLY A 419 11.30 12.18 -14.49
N ILE A 420 12.44 12.72 -14.08
CA ILE A 420 12.61 14.15 -13.97
C ILE A 420 13.36 14.59 -15.23
N ASP A 421 13.03 15.80 -15.71
CA ASP A 421 13.68 16.35 -16.87
C ASP A 421 15.20 16.33 -16.69
N VAL A 422 15.92 16.02 -17.78
CA VAL A 422 17.38 15.91 -17.72
C VAL A 422 18.04 16.99 -18.56
N GLY A 423 19.35 17.10 -18.42
CA GLY A 423 20.13 18.08 -19.18
C GLY A 423 20.46 19.29 -18.35
N ASP A 424 21.40 20.10 -18.83
CA ASP A 424 21.89 21.24 -18.07
C ASP A 424 20.89 22.37 -17.90
N GLU A 425 19.86 22.39 -18.75
CA GLU A 425 18.78 23.36 -18.57
C GLU A 425 17.90 22.93 -17.40
N ALA A 426 17.68 21.62 -17.29
CA ALA A 426 16.99 21.04 -16.14
C ALA A 426 17.80 21.27 -14.87
N GLU A 427 19.12 21.08 -14.98
CA GLU A 427 20.02 21.27 -13.85
C GLU A 427 20.06 22.71 -13.37
N LYS A 428 20.13 23.67 -14.30
CA LYS A 428 20.05 25.09 -13.96
C LYS A 428 18.69 25.47 -13.36
N ALA A 429 17.65 24.74 -13.76
CA ALA A 429 16.32 24.96 -13.21
C ALA A 429 16.18 24.31 -11.83
N GLU A 430 17.29 23.80 -11.31
CA GLU A 430 17.40 23.24 -9.94
C GLU A 430 16.72 21.88 -9.77
N LEU A 431 16.40 21.22 -10.86
CA LEU A 431 15.60 19.99 -10.82
C LEU A 431 16.07 18.93 -9.82
N LEU A 432 17.37 18.71 -9.74
CA LEU A 432 17.96 17.76 -8.79
C LEU A 432 17.66 18.17 -7.35
N GLY A 433 17.90 19.45 -7.05
CA GLY A 433 17.65 20.01 -5.73
C GLY A 433 16.17 20.06 -5.39
N LEU A 434 15.33 20.20 -6.41
CA LEU A 434 13.88 20.26 -6.21
C LEU A 434 13.27 18.89 -5.97
N GLY A 435 13.81 17.88 -6.64
CA GLY A 435 13.43 16.49 -6.39
C GLY A 435 13.76 16.09 -4.95
N GLN A 436 14.97 16.45 -4.54
CA GLN A 436 15.42 16.21 -3.16
C GLN A 436 14.66 17.05 -2.15
N SER A 437 14.29 18.27 -2.54
CA SER A 437 13.49 19.13 -1.67
C SER A 437 12.17 18.42 -1.39
N LEU A 438 11.63 17.78 -2.41
CA LEU A 438 10.38 17.05 -2.30
C LEU A 438 10.55 15.88 -1.35
N ILE A 439 11.63 15.13 -1.49
CA ILE A 439 11.96 14.08 -0.52
C ILE A 439 11.96 14.64 0.91
N TYR A 440 12.66 15.74 1.11
CA TYR A 440 12.74 16.41 2.39
C TYR A 440 11.33 16.79 2.88
N SER A 441 10.53 17.36 1.98
CA SER A 441 9.16 17.77 2.28
C SER A 441 8.29 16.59 2.73
N ILE A 442 8.50 15.45 2.07
CA ILE A 442 7.77 14.24 2.37
C ILE A 442 8.20 13.73 3.74
N GLU A 443 9.50 13.57 3.92
CA GLU A 443 10.05 13.19 5.20
C GLU A 443 9.57 14.13 6.32
N ASN A 444 9.46 15.42 6.02
CA ASN A 444 8.96 16.42 6.97
C ASN A 444 7.46 16.28 7.30
N SER A 445 6.71 15.63 6.42
CA SER A 445 5.26 15.62 6.57
C SER A 445 4.84 14.81 7.78
N LYS A 446 5.53 13.70 8.00
CA LYS A 446 5.21 12.77 9.09
C LYS A 446 3.72 12.40 9.10
N LEU A 447 3.18 12.20 7.90
CA LEU A 447 1.82 11.73 7.73
C LEU A 447 1.78 10.45 6.93
N PRO A 448 0.82 9.56 7.25
CA PRO A 448 0.69 8.34 6.47
C PRO A 448 0.33 8.68 5.03
N SER A 449 0.96 7.99 4.09
CA SER A 449 0.73 8.27 2.69
C SER A 449 0.54 6.99 1.88
N LEU A 450 -0.34 7.04 0.90
CA LEU A 450 -0.57 5.94 -0.01
C LEU A 450 0.01 6.29 -1.37
N GLU A 451 0.62 5.30 -2.02
CA GLU A 451 1.11 5.47 -3.37
C GLU A 451 0.45 4.41 -4.25
N ILE A 452 -0.10 4.88 -5.38
CA ILE A 452 -0.75 4.03 -6.36
C ILE A 452 -0.06 4.22 -7.70
N THR A 453 0.58 3.18 -8.18
CA THR A 453 1.22 3.23 -9.49
C THR A 453 0.15 2.92 -10.54
N ILE A 454 -0.28 3.98 -11.22
CA ILE A 454 -1.28 3.86 -12.27
C ILE A 454 -0.66 3.11 -13.44
N ARG A 455 0.47 3.61 -13.94
CA ARG A 455 1.23 2.84 -14.93
C ARG A 455 2.72 2.79 -14.62
N LYS A 456 3.44 3.83 -15.00
CA LYS A 456 4.89 3.75 -14.96
C LYS A 456 5.46 4.22 -13.63
N ALA A 457 6.25 3.35 -13.02
CA ALA A 457 7.08 3.75 -11.89
C ALA A 457 8.54 3.64 -12.32
N SER A 458 9.14 4.77 -12.68
CA SER A 458 10.51 4.75 -13.20
C SER A 458 11.33 5.92 -12.71
N ALA A 459 12.66 5.73 -12.75
CA ALA A 459 13.66 6.75 -12.42
C ALA A 459 13.52 7.32 -11.00
N ALA A 460 14.18 8.46 -10.77
CA ALA A 460 14.12 9.15 -9.50
C ALA A 460 12.71 9.60 -9.16
N ALA A 461 11.89 9.83 -10.20
CA ALA A 461 10.52 10.31 -10.05
C ALA A 461 9.67 9.38 -9.19
N HIS A 462 9.85 8.08 -9.37
CA HIS A 462 9.17 7.07 -8.55
C HIS A 462 9.46 7.31 -7.07
N TYR A 463 10.70 7.66 -6.75
CA TYR A 463 11.11 7.89 -5.37
C TYR A 463 10.43 9.11 -4.80
N VAL A 464 10.57 10.23 -5.51
CA VAL A 464 10.17 11.54 -4.99
C VAL A 464 8.66 11.72 -4.98
N LEU A 465 7.95 10.93 -5.79
CA LEU A 465 6.50 11.05 -5.84
C LEU A 465 5.86 10.18 -4.76
N GLY A 466 6.20 10.47 -3.51
CA GLY A 466 5.73 9.68 -2.38
C GLY A 466 5.97 8.20 -2.59
N GLY A 467 7.15 7.88 -3.12
CA GLY A 467 7.52 6.50 -3.37
C GLY A 467 7.70 5.69 -2.10
N PRO A 468 7.69 4.36 -2.21
CA PRO A 468 7.91 3.45 -1.09
C PRO A 468 9.28 3.57 -0.41
N GLN A 469 10.16 4.40 -0.98
CA GLN A 469 11.50 4.65 -0.41
C GLN A 469 11.46 5.55 0.80
N GLY A 470 10.34 6.27 0.97
CA GLY A 470 10.10 7.05 2.17
C GLY A 470 9.52 6.15 3.23
N ASN A 471 10.41 5.49 3.97
CA ASN A 471 10.03 4.47 4.95
C ASN A 471 9.25 5.00 6.16
N ASN A 472 9.34 6.31 6.41
CA ASN A 472 8.56 6.92 7.48
C ASN A 472 7.15 7.35 7.09
N THR A 473 6.83 7.35 5.80
CA THR A 473 5.61 8.02 5.31
C THR A 473 4.71 7.11 4.47
N ASN A 474 5.28 6.51 3.44
CA ASN A 474 4.54 5.57 2.60
C ASN A 474 4.16 4.31 3.37
N VAL A 475 2.86 4.11 3.57
CA VAL A 475 2.38 2.98 4.38
C VAL A 475 2.62 1.68 3.61
N PHE A 476 2.27 1.73 2.32
CA PHE A 476 2.51 0.69 1.35
C PHE A 476 2.14 1.29 0.02
N SER A 477 2.35 0.53 -1.05
CA SER A 477 2.03 0.97 -2.40
C SER A 477 1.24 -0.09 -3.15
N ILE A 478 0.35 0.36 -4.03
CA ILE A 478 -0.40 -0.54 -4.87
C ILE A 478 -0.28 -0.14 -6.34
N GLY A 479 -0.56 -1.08 -7.23
CA GLY A 479 -0.40 -0.86 -8.64
C GLY A 479 -1.55 -1.46 -9.39
N THR A 480 -1.81 -0.92 -10.58
CA THR A 480 -2.85 -1.46 -11.44
C THR A 480 -2.21 -2.48 -12.37
N GLY A 481 -3.04 -3.20 -13.12
CA GLY A 481 -2.57 -4.16 -14.11
C GLY A 481 -1.80 -3.50 -15.24
N ALA A 482 -1.98 -2.19 -15.40
CA ALA A 482 -1.24 -1.40 -16.38
C ALA A 482 0.10 -0.87 -15.86
N CYS A 483 0.48 -1.24 -14.65
CA CYS A 483 1.72 -0.69 -14.10
C CYS A 483 2.98 -1.41 -14.59
N GLU A 484 4.12 -0.74 -14.47
CA GLU A 484 5.44 -1.30 -14.77
C GLU A 484 6.56 -0.50 -14.07
N TYR A 485 7.54 -1.23 -13.53
CA TYR A 485 8.61 -0.66 -12.71
C TYR A 485 9.98 -0.92 -13.31
N TYR A 486 10.74 0.15 -13.57
CA TYR A 486 12.13 0.01 -14.00
C TYR A 486 12.93 1.27 -13.66
N VAL A 487 14.27 1.14 -13.63
CA VAL A 487 15.14 2.30 -13.45
C VAL A 487 14.99 3.24 -14.66
N MET A 488 14.89 2.63 -15.84
CA MET A 488 14.68 3.31 -17.10
C MET A 488 14.18 2.26 -18.09
N PRO A 489 13.59 2.70 -19.22
CA PRO A 489 13.06 1.77 -20.20
C PRO A 489 14.13 0.83 -20.76
N GLY A 490 13.72 -0.38 -21.11
CA GLY A 490 14.63 -1.39 -21.66
C GLY A 490 15.56 -0.87 -22.74
N GLU A 491 14.96 -0.21 -23.75
CA GLU A 491 15.73 0.32 -24.87
C GLU A 491 16.74 1.41 -24.47
N THR A 492 16.35 2.24 -23.52
CA THR A 492 17.24 3.26 -22.97
C THR A 492 18.48 2.63 -22.33
N ALA A 493 18.26 1.60 -21.53
CA ALA A 493 19.33 0.86 -20.87
C ALA A 493 20.23 0.13 -21.87
N ALA A 494 19.60 -0.52 -22.85
CA ALA A 494 20.30 -1.24 -23.92
C ALA A 494 21.14 -0.29 -24.77
N ASN A 495 20.51 0.77 -25.27
CA ASN A 495 21.19 1.81 -26.05
C ASN A 495 22.32 2.47 -25.26
N ALA A 496 22.18 2.52 -23.93
CA ALA A 496 23.18 3.14 -23.07
C ALA A 496 24.41 2.28 -22.88
N MET A 497 24.20 1.01 -22.56
CA MET A 497 25.31 0.10 -22.22
C MET A 497 26.08 -0.40 -23.43
N TYR A 498 25.40 -0.43 -24.59
CA TYR A 498 26.00 -0.99 -25.79
C TYR A 498 26.32 0.05 -26.88
N SER A 499 25.93 1.31 -26.66
CA SER A 499 26.19 2.40 -27.61
C SER A 499 27.60 2.37 -28.18
N ARG A 500 28.58 2.19 -27.30
CA ARG A 500 30.00 2.18 -27.67
C ARG A 500 30.40 0.94 -28.47
N LYS A 501 29.48 0.44 -29.29
CA LYS A 501 29.76 -0.64 -30.25
C LYS A 501 30.19 -0.05 -31.60
N LEU A 502 30.60 1.22 -31.57
CA LEU A 502 31.15 1.89 -32.76
C LEU A 502 32.59 1.46 -32.99
N GLN A 513 24.70 -7.22 -35.27
CA GLN A 513 23.60 -8.16 -35.09
C GLN A 513 23.67 -8.98 -33.79
N PRO A 514 24.87 -9.45 -33.39
CA PRO A 514 24.94 -10.13 -32.10
C PRO A 514 24.84 -9.15 -30.93
N ILE A 515 25.38 -7.94 -31.13
CA ILE A 515 25.26 -6.86 -30.16
C ILE A 515 23.82 -6.35 -30.08
N ILE A 516 23.16 -6.27 -31.23
CA ILE A 516 21.74 -5.94 -31.30
C ILE A 516 20.89 -7.04 -30.67
N GLY A 517 21.44 -8.25 -30.64
CA GLY A 517 20.82 -9.39 -29.98
C GLY A 517 20.95 -9.31 -28.48
N LYS A 518 22.12 -8.86 -28.01
CA LYS A 518 22.33 -8.59 -26.58
C LYS A 518 21.43 -7.44 -26.09
N MET A 519 21.31 -6.41 -26.92
CA MET A 519 20.48 -5.25 -26.62
C MET A 519 19.01 -5.63 -26.47
N ASN A 520 18.50 -6.41 -27.43
CA ASN A 520 17.12 -6.89 -27.39
C ASN A 520 16.85 -7.92 -26.30
N ASP A 521 17.89 -8.65 -25.89
CA ASP A 521 17.81 -9.54 -24.75
C ASP A 521 17.59 -8.72 -23.48
N MET A 522 18.39 -7.67 -23.32
CA MET A 522 18.28 -6.76 -22.20
C MET A 522 16.91 -6.08 -22.16
N ILE A 523 16.43 -5.63 -23.32
CA ILE A 523 15.10 -5.03 -23.45
C ILE A 523 14.02 -6.01 -22.97
N GLN A 524 14.10 -7.25 -23.44
CA GLN A 524 13.13 -8.27 -23.03
C GLN A 524 13.29 -8.61 -21.54
N MET A 525 14.53 -8.57 -21.05
CA MET A 525 14.81 -8.76 -19.64
C MET A 525 14.08 -7.69 -18.82
N TYR A 526 14.30 -6.44 -19.20
CA TYR A 526 13.65 -5.30 -18.57
C TYR A 526 12.14 -5.41 -18.59
N THR A 527 11.59 -5.95 -19.68
CA THR A 527 10.15 -6.17 -19.80
C THR A 527 9.71 -7.26 -18.82
N ASP A 528 10.45 -8.36 -18.80
CA ASP A 528 10.18 -9.48 -17.91
C ASP A 528 10.16 -9.02 -16.45
N LYS A 529 11.18 -8.24 -16.10
CA LYS A 529 11.41 -7.81 -14.72
C LYS A 529 10.71 -6.49 -14.38
N SER A 530 9.64 -6.18 -15.10
CA SER A 530 8.89 -4.94 -14.90
C SER A 530 7.38 -5.16 -15.03
N ARG A 531 6.99 -6.42 -15.20
CA ARG A 531 5.56 -6.78 -15.25
C ARG A 531 4.95 -6.70 -13.86
N PRO A 532 3.68 -6.27 -13.75
CA PRO A 532 2.97 -6.16 -12.48
C PRO A 532 3.18 -7.32 -11.50
N LYS A 533 3.05 -8.56 -11.97
CA LYS A 533 3.17 -9.72 -11.11
C LYS A 533 4.57 -9.88 -10.55
N TYR A 534 5.56 -9.69 -11.42
CA TYR A 534 6.97 -9.79 -11.03
C TYR A 534 7.30 -8.69 -10.02
N CYS A 535 6.84 -7.48 -10.30
CA CYS A 535 7.09 -6.32 -9.44
C CYS A 535 6.53 -6.54 -8.05
N THR A 536 5.31 -7.05 -7.96
CA THR A 536 4.71 -7.36 -6.66
C THR A 536 5.36 -8.57 -5.97
N GLU A 537 5.82 -9.55 -6.75
CA GLU A 537 6.55 -10.70 -6.22
C GLU A 537 7.84 -10.30 -5.51
N LYS A 538 8.47 -9.25 -6.02
CA LYS A 538 9.69 -8.70 -5.43
C LYS A 538 9.41 -7.62 -4.39
N GLY A 539 8.13 -7.25 -4.27
CA GLY A 539 7.71 -6.22 -3.32
C GLY A 539 8.01 -4.80 -3.75
N MET A 540 8.23 -4.59 -5.04
CA MET A 540 8.46 -3.25 -5.59
C MET A 540 7.17 -2.45 -5.45
N VAL A 541 6.07 -3.17 -5.62
CA VAL A 541 4.72 -2.70 -5.34
C VAL A 541 4.11 -3.77 -4.45
N ASP A 542 3.37 -3.37 -3.42
CA ASP A 542 2.89 -4.36 -2.45
C ASP A 542 1.76 -5.23 -2.98
N GLU A 543 0.87 -4.65 -3.77
CA GLU A 543 -0.23 -5.40 -4.34
C GLU A 543 -0.60 -4.87 -5.70
N ILE A 544 -0.86 -5.78 -6.65
CA ILE A 544 -1.54 -5.41 -7.89
C ILE A 544 -3.03 -5.57 -7.66
N VAL A 545 -3.78 -4.49 -7.82
CA VAL A 545 -5.21 -4.49 -7.51
C VAL A 545 -6.01 -4.22 -8.77
N ASP A 546 -7.24 -4.76 -8.82
CA ASP A 546 -8.13 -4.53 -9.96
C ASP A 546 -8.53 -3.06 -10.03
N MET A 547 -8.87 -2.59 -11.23
CA MET A 547 -9.28 -1.21 -11.44
C MET A 547 -10.46 -0.83 -10.56
N THR A 548 -11.31 -1.82 -10.30
CA THR A 548 -12.48 -1.64 -9.48
C THR A 548 -12.17 -1.78 -8.00
N GLU A 549 -10.90 -2.05 -7.68
CA GLU A 549 -10.45 -2.20 -6.29
C GLU A 549 -9.65 -0.99 -5.80
N VAL A 550 -9.28 -0.10 -6.72
CA VAL A 550 -8.40 1.01 -6.38
C VAL A 550 -9.04 1.96 -5.36
N ARG A 551 -10.25 2.42 -5.66
CA ARG A 551 -10.99 3.26 -4.73
C ARG A 551 -11.23 2.55 -3.37
N PRO A 552 -11.71 1.30 -3.38
CA PRO A 552 -11.77 0.54 -2.13
C PRO A 552 -10.49 0.56 -1.28
N TYR A 553 -9.32 0.49 -1.92
CA TYR A 553 -8.05 0.52 -1.20
C TYR A 553 -7.77 1.91 -0.67
N ILE A 554 -8.10 2.90 -1.48
CA ILE A 554 -8.09 4.31 -1.09
C ILE A 554 -9.04 4.53 0.09
N GLN A 555 -10.21 3.90 0.05
CA GLN A 555 -11.20 4.02 1.14
C GLN A 555 -10.68 3.36 2.41
N ALA A 556 -10.08 2.20 2.27
CA ALA A 556 -9.46 1.49 3.37
C ALA A 556 -8.31 2.30 3.98
N PHE A 557 -7.37 2.75 3.15
CA PHE A 557 -6.27 3.62 3.61
C PHE A 557 -6.76 4.87 4.32
N THR A 558 -7.63 5.63 3.67
CA THR A 558 -8.05 6.92 4.19
C THR A 558 -8.79 6.77 5.51
N GLU A 559 -9.71 5.81 5.58
CA GLU A 559 -10.47 5.60 6.79
C GLU A 559 -9.59 5.10 7.92
N ALA A 560 -8.56 4.33 7.57
CA ALA A 560 -7.59 3.85 8.55
C ALA A 560 -6.69 4.97 9.07
N ALA A 561 -6.33 5.91 8.20
CA ALA A 561 -5.53 7.08 8.57
C ALA A 561 -6.28 8.04 9.53
N TYR A 562 -7.59 8.15 9.34
CA TYR A 562 -8.43 9.02 10.13
C TYR A 562 -9.05 8.33 11.34
N GLN A 563 -8.84 7.02 11.45
CA GLN A 563 -9.44 6.24 12.52
C GLN A 563 -8.99 6.71 13.89
N ASN A 564 -7.69 6.98 14.01
CA ASN A 564 -7.12 7.43 15.27
C ASN A 564 -5.86 8.27 15.02
N PRO A 565 -6.02 9.40 14.31
CA PRO A 565 -4.82 10.18 13.99
C PRO A 565 -4.16 10.76 15.23
N GLN A 566 -2.85 10.89 15.15
CA GLN A 566 -2.06 11.38 16.26
C GLN A 566 -1.94 12.90 16.28
N SER A 567 -2.46 13.55 15.25
CA SER A 567 -2.37 14.99 15.13
C SER A 567 -3.56 15.52 14.39
N ILE A 568 -4.04 16.69 14.79
CA ILE A 568 -5.23 17.29 14.17
C ILE A 568 -4.97 18.73 13.72
N CYS A 569 -5.46 19.07 12.54
CA CYS A 569 -5.66 20.47 12.19
C CYS A 569 -7.14 20.75 12.02
N PRO A 570 -7.72 21.57 12.91
CA PRO A 570 -9.14 21.92 12.74
C PRO A 570 -9.35 22.52 11.35
N MET A 571 -10.51 22.26 10.76
CA MET A 571 -10.78 22.65 9.37
C MET A 571 -10.65 24.15 9.11
N HIS A 572 -11.13 24.95 10.07
CA HIS A 572 -11.07 26.41 9.98
C HIS A 572 -9.65 26.96 10.16
N GLN A 573 -8.73 26.11 10.57
CA GLN A 573 -7.34 26.49 10.72
C GLN A 573 -6.44 25.89 9.63
N MET A 574 -7.06 25.26 8.62
CA MET A 574 -6.35 24.69 7.49
C MET A 574 -5.89 25.73 6.49
N LEU A 575 -4.67 25.55 6.00
CA LEU A 575 -4.06 26.52 5.10
C LEU A 575 -4.24 26.15 3.63
N THR A 576 -4.20 24.86 3.31
CA THR A 576 -4.30 24.38 1.93
C THR A 576 -5.52 24.96 1.20
N PRO A 577 -6.73 24.85 1.81
CA PRO A 577 -7.93 25.39 1.17
C PRO A 577 -7.82 26.89 0.91
N ARG A 578 -7.23 27.62 1.85
CA ARG A 578 -7.10 29.07 1.76
C ARG A 578 -6.11 29.48 0.68
N SER A 579 -4.91 28.90 0.74
CA SER A 579 -3.89 29.16 -0.30
C SER A 579 -4.37 28.73 -1.67
N THR A 580 -5.13 27.65 -1.74
CA THR A 580 -5.73 27.19 -2.99
C THR A 580 -6.70 28.26 -3.53
N ARG A 581 -7.61 28.71 -2.67
CA ARG A 581 -8.56 29.77 -3.00
C ARG A 581 -7.82 31.02 -3.48
N GLU A 582 -6.87 31.49 -2.68
CA GLU A 582 -6.11 32.70 -2.98
C GLU A 582 -5.40 32.67 -4.33
N PHE A 583 -4.87 31.51 -4.71
CA PHE A 583 -4.26 31.36 -6.03
C PHE A 583 -5.29 31.51 -7.16
N GLU A 584 -6.50 30.98 -6.95
CA GLU A 584 -7.57 31.09 -7.95
C GLU A 584 -8.09 32.53 -8.11
N THR A 585 -8.10 33.28 -7.01
CA THR A 585 -8.68 34.63 -7.05
C THR A 585 -7.65 35.75 -7.26
N PHE A 586 -6.40 35.51 -6.86
CA PHE A 586 -5.37 36.55 -6.92
C PHE A 586 -4.50 36.41 -8.18
N GLY A 587 -4.42 35.17 -8.69
CA GLY A 587 -3.57 34.86 -9.86
C GLY A 587 -2.63 33.69 -9.61
S SO4 B . -18.62 3.87 -2.89
O1 SO4 B . -18.83 5.20 -2.33
O2 SO4 B . -17.69 4.00 -4.02
O3 SO4 B . -18.10 2.97 -1.86
O4 SO4 B . -19.90 3.32 -3.34
#